data_7BAY
#
_entry.id   7BAY
#
_cell.length_a   114.904
_cell.length_b   52.207
_cell.length_c   73.990
_cell.angle_alpha   90.000
_cell.angle_beta   90.000
_cell.angle_gamma   90.000
#
_symmetry.space_group_name_H-M   'P 21 21 2'
#
loop_
_entity.id
_entity.type
_entity.pdbx_description
1 polymer 'Choline-binding protein F'
2 non-polymer 'CHOLINE ION'
3 non-polymer 'TRIETHYLENE GLYCOL'
4 non-polymer GLYCEROL
5 non-polymer 'neutral Yb(III)-caged complex'
6 water water
#
_entity_poly.entity_id   1
_entity_poly.type   'polypeptide(L)'
_entity_poly.pdbx_seq_one_letter_code
;NTTGGRFVDKDNRKYYVKDDHKAIYWHKIDGKTYYFGDIGEMVVGWQYLEIPGTGYRDNLFDNQPVNEIGLQEKWYYFGQ
DGALLEQTDKQVLEAKTSENTGKVYGEQYPLSAEKRTYYFDNNYAVKTGWIYEDGNWYYLNKLGNFGDDSYNPLPIGEVA
KGWTQDFHVTIDIDRSKPAPWYYLDASGKMLTDWQKVNGKWYYFGSSGSMATGWKYVRGKWYYLDNKNGDMKTGWQYLGN
KWYYLRSSGAMVTGWYQDGLTWYYLNAGNGDMKTGWFQVNGKWYYAYSSGALAVNTTVDGYSVNYNGEWVQ
;
_entity_poly.pdbx_strand_id   AA
#
loop_
_chem_comp.id
_chem_comp.type
_chem_comp.name
_chem_comp.formula
CHT non-polymer 'CHOLINE ION' 'C5 H14 N O 1'
GOL non-polymer GLYCEROL 'C3 H8 O3'
PGE non-polymer 'TRIETHYLENE GLYCOL' 'C6 H14 O4'
T7K non-polymer 'neutral Yb(III)-caged complex' 'C21 H29 N4 O7 Yb 4'
#
# COMPACT_ATOMS: atom_id res chain seq x y z
N ASN A 1 -3.19 32.51 -20.61
CA ASN A 1 -4.56 32.54 -21.12
C ASN A 1 -4.58 32.79 -22.62
N THR A 2 -5.17 31.88 -23.37
CA THR A 2 -5.26 31.99 -24.82
C THR A 2 -6.49 32.80 -25.21
N THR A 3 -6.31 33.71 -26.16
CA THR A 3 -7.39 34.55 -26.66
C THR A 3 -7.27 34.62 -28.18
N GLY A 4 -7.98 35.58 -28.78
CA GLY A 4 -7.83 35.83 -30.22
C GLY A 4 -7.94 34.60 -31.08
N GLY A 5 -8.81 33.66 -30.73
CA GLY A 5 -8.99 32.46 -31.52
C GLY A 5 -10.45 32.11 -31.71
N ARG A 6 -10.73 30.88 -32.15
CA ARG A 6 -12.10 30.44 -32.33
C ARG A 6 -12.12 28.92 -32.43
N PHE A 7 -13.12 28.32 -31.80
CA PHE A 7 -13.32 26.88 -31.94
C PHE A 7 -13.91 26.57 -33.32
N VAL A 8 -13.41 25.50 -33.94
CA VAL A 8 -13.78 25.13 -35.30
C VAL A 8 -14.08 23.64 -35.34
N ASP A 9 -15.25 23.29 -35.87
CA ASP A 9 -15.64 21.90 -36.08
C ASP A 9 -15.32 21.52 -37.52
N LYS A 10 -14.68 20.37 -37.70
CA LYS A 10 -14.27 19.95 -39.03
C LYS A 10 -13.73 18.51 -39.02
N ASP A 11 -14.27 17.66 -39.90
CA ASP A 11 -13.83 16.28 -40.03
C ASP A 11 -14.21 15.45 -38.80
N ASN A 12 -15.39 15.72 -38.25
CA ASN A 12 -15.87 15.03 -37.05
C ASN A 12 -14.91 15.20 -35.87
N ARG A 13 -14.18 16.31 -35.85
CA ARG A 13 -13.32 16.66 -34.73
C ARG A 13 -13.52 18.14 -34.43
N LYS A 14 -12.91 18.60 -33.35
CA LYS A 14 -12.98 20.01 -32.98
C LYS A 14 -11.58 20.54 -32.74
N TYR A 15 -11.36 21.79 -33.13
CA TYR A 15 -10.07 22.45 -33.00
C TYR A 15 -10.26 23.86 -32.45
N TYR A 16 -9.16 24.45 -32.02
CA TYR A 16 -9.11 25.88 -31.68
C TYR A 16 -8.04 26.52 -32.55
N VAL A 17 -8.47 27.35 -33.49
CA VAL A 17 -7.58 27.95 -34.49
C VAL A 17 -7.41 29.43 -34.18
N LYS A 18 -6.16 29.89 -34.15
CA LYS A 18 -5.83 31.29 -33.99
C LYS A 18 -4.74 31.66 -34.98
N ASP A 19 -4.98 32.72 -35.76
CA ASP A 19 -4.04 33.13 -36.80
C ASP A 19 -3.75 32.00 -37.78
N ASP A 20 -4.69 31.07 -37.90
CA ASP A 20 -4.64 29.95 -38.83
C ASP A 20 -3.74 28.82 -38.35
N HIS A 21 -3.40 28.77 -37.07
CA HIS A 21 -2.65 27.67 -36.50
C HIS A 21 -3.51 26.96 -35.46
N LYS A 22 -3.37 25.63 -35.40
CA LYS A 22 -4.12 24.85 -34.43
C LYS A 22 -3.47 24.91 -33.06
N ALA A 23 -4.29 24.85 -32.02
CA ALA A 23 -3.81 24.80 -30.65
C ALA A 23 -3.55 23.35 -30.25
N ILE A 24 -2.55 23.14 -29.39
CA ILE A 24 -2.15 21.81 -28.97
C ILE A 24 -1.92 21.80 -27.48
N TYR A 25 -2.13 20.63 -26.88
CA TYR A 25 -1.89 20.41 -25.45
C TYR A 25 -2.83 21.34 -24.65
N TRP A 26 -2.37 21.81 -23.50
CA TRP A 26 -3.22 22.55 -22.58
C TRP A 26 -3.41 24.00 -23.05
N HIS A 27 -4.59 24.53 -22.76
CA HIS A 27 -4.91 25.92 -23.07
C HIS A 27 -6.00 26.41 -22.13
N LYS A 28 -5.81 27.61 -21.58
CA LYS A 28 -6.84 28.30 -20.80
C LYS A 28 -7.56 29.26 -21.75
N ILE A 29 -8.84 29.00 -22.01
CA ILE A 29 -9.62 29.78 -22.96
C ILE A 29 -10.89 30.23 -22.26
N ASP A 30 -10.96 31.53 -21.93
CA ASP A 30 -12.17 32.14 -21.39
C ASP A 30 -12.64 31.43 -20.12
N GLY A 31 -11.77 31.45 -19.11
CA GLY A 31 -12.12 30.86 -17.83
C GLY A 31 -12.33 29.37 -17.83
N LYS A 32 -11.80 28.66 -18.84
CA LYS A 32 -11.90 27.21 -18.90
C LYS A 32 -10.60 26.65 -19.45
N THR A 33 -10.37 25.37 -19.20
CA THR A 33 -9.16 24.68 -19.63
C THR A 33 -9.50 23.55 -20.59
N TYR A 34 -8.72 23.44 -21.65
CA TYR A 34 -8.89 22.40 -22.65
C TYR A 34 -7.55 21.76 -22.98
N TYR A 35 -7.61 20.54 -23.50
CA TYR A 35 -6.43 19.81 -23.95
C TYR A 35 -6.67 19.34 -25.37
N PHE A 36 -5.82 19.78 -26.30
CA PHE A 36 -6.01 19.53 -27.72
C PHE A 36 -5.06 18.48 -28.28
N GLY A 37 -4.30 17.81 -27.43
CA GLY A 37 -3.46 16.72 -27.90
C GLY A 37 -2.25 17.19 -28.71
N ASP A 38 -1.73 16.27 -29.51
CA ASP A 38 -0.53 16.54 -30.30
C ASP A 38 -0.82 17.11 -31.67
N ILE A 39 -2.01 16.87 -32.22
CA ILE A 39 -2.36 17.37 -33.54
C ILE A 39 -3.57 18.31 -33.51
N GLY A 40 -4.11 18.61 -32.33
CA GLY A 40 -5.12 19.64 -32.19
C GLY A 40 -6.54 19.15 -31.93
N GLU A 41 -6.78 17.85 -31.93
CA GLU A 41 -8.13 17.32 -31.73
C GLU A 41 -8.51 17.42 -30.26
N MET A 42 -9.57 18.17 -29.97
CA MET A 42 -10.01 18.34 -28.60
C MET A 42 -10.39 17.01 -27.97
N VAL A 43 -10.04 16.85 -26.70
CA VAL A 43 -10.27 15.61 -25.97
C VAL A 43 -11.51 15.75 -25.11
N VAL A 44 -12.13 14.62 -24.79
CA VAL A 44 -13.29 14.56 -23.91
C VAL A 44 -13.15 13.35 -23.00
N GLY A 45 -13.86 13.40 -21.88
CA GLY A 45 -13.89 12.26 -20.98
C GLY A 45 -12.57 12.04 -20.25
N TRP A 46 -12.37 10.79 -19.84
CA TRP A 46 -11.19 10.43 -19.06
C TRP A 46 -9.94 10.52 -19.92
N GLN A 47 -8.89 11.15 -19.37
CA GLN A 47 -7.64 11.32 -20.09
C GLN A 47 -6.46 11.14 -19.15
N TYR A 48 -5.41 10.51 -19.64
CA TYR A 48 -4.16 10.32 -18.92
C TYR A 48 -3.11 11.20 -19.60
N LEU A 49 -2.80 12.33 -18.99
CA LEU A 49 -2.00 13.36 -19.64
C LEU A 49 -0.90 13.85 -18.73
N GLU A 50 0.10 14.48 -19.33
CA GLU A 50 1.16 15.12 -18.57
C GLU A 50 0.61 16.31 -17.80
N ILE A 51 1.14 16.52 -16.60
CA ILE A 51 0.58 17.56 -15.72
C ILE A 51 0.72 18.93 -16.39
N PRO A 52 -0.30 19.76 -16.37
CA PRO A 52 -0.21 21.09 -16.97
C PRO A 52 0.36 22.13 -16.00
N GLY A 53 0.67 23.30 -16.55
CA GLY A 53 1.11 24.45 -15.77
C GLY A 53 2.57 24.81 -15.95
N THR A 54 3.41 23.89 -16.42
CA THR A 54 4.84 24.17 -16.54
C THR A 54 5.15 25.13 -17.68
N GLY A 55 4.24 25.28 -18.64
CA GLY A 55 4.51 26.06 -19.82
C GLY A 55 5.17 25.30 -20.95
N TYR A 56 5.82 24.17 -20.65
CA TYR A 56 6.39 23.31 -21.69
C TYR A 56 5.32 22.53 -22.45
N ARG A 57 4.09 22.49 -21.92
CA ARG A 57 2.96 21.87 -22.61
C ARG A 57 1.72 22.75 -22.51
N ASP A 58 1.91 24.06 -22.47
CA ASP A 58 0.84 25.01 -22.25
C ASP A 58 0.97 26.18 -23.21
N ASN A 59 -0.18 26.66 -23.70
CA ASN A 59 -0.22 27.84 -24.58
C ASN A 59 0.62 27.64 -25.83
N LEU A 60 0.58 26.43 -26.38
CA LEU A 60 1.35 26.08 -27.57
C LEU A 60 0.44 25.91 -28.77
N PHE A 61 0.99 26.19 -29.95
CA PHE A 61 0.28 26.03 -31.20
C PHE A 61 1.10 25.17 -32.15
N ASP A 62 0.41 24.54 -33.10
CA ASP A 62 1.04 23.55 -33.97
C ASP A 62 2.16 24.11 -34.85
N ASN A 63 2.41 25.42 -34.77
CA ASN A 63 3.46 26.05 -35.56
C ASN A 63 4.70 26.40 -34.73
N GLN A 64 4.84 25.80 -33.56
CA GLN A 64 5.93 26.08 -32.65
C GLN A 64 6.61 24.77 -32.24
N PRO A 65 7.86 24.83 -31.81
CA PRO A 65 8.59 23.60 -31.46
C PRO A 65 8.14 23.07 -30.10
N VAL A 66 7.91 21.76 -30.04
CA VAL A 66 7.56 21.09 -28.79
C VAL A 66 8.84 20.62 -28.11
N ASN A 67 8.97 20.95 -26.83
CA ASN A 67 10.21 20.70 -26.10
C ASN A 67 10.22 19.31 -25.48
N GLU A 68 11.41 18.73 -25.40
CA GLU A 68 11.62 17.53 -24.60
C GLU A 68 11.46 17.87 -23.13
N ILE A 69 10.59 17.16 -22.43
CA ILE A 69 10.34 17.43 -21.02
C ILE A 69 9.90 16.14 -20.35
N GLY A 70 10.34 15.94 -19.12
CA GLY A 70 9.94 14.80 -18.32
C GLY A 70 8.88 15.16 -17.31
N LEU A 71 7.62 15.06 -17.71
CA LEU A 71 6.49 15.41 -16.85
C LEU A 71 5.71 14.15 -16.49
N GLN A 72 5.32 14.07 -15.23
CA GLN A 72 4.51 12.95 -14.78
C GLN A 72 3.12 13.01 -15.40
N GLU A 73 2.53 11.84 -15.62
CA GLU A 73 1.20 11.72 -16.19
C GLU A 73 0.18 11.47 -15.09
N LYS A 74 -1.01 12.02 -15.24
CA LYS A 74 -2.06 11.90 -14.24
C LYS A 74 -3.40 11.84 -14.92
N TRP A 75 -4.41 11.38 -14.18
CA TRP A 75 -5.76 11.22 -14.70
C TRP A 75 -6.55 12.52 -14.55
N TYR A 76 -7.26 12.88 -15.62
CA TYR A 76 -8.13 14.05 -15.59
C TYR A 76 -9.44 13.69 -16.28
N TYR A 77 -10.50 14.43 -15.95
CA TYR A 77 -11.81 14.23 -16.55
C TYR A 77 -12.26 15.49 -17.24
N PHE A 78 -12.64 15.37 -18.51
CA PHE A 78 -13.19 16.47 -19.28
C PHE A 78 -14.65 16.19 -19.58
N GLY A 79 -15.43 17.27 -19.64
CA GLY A 79 -16.82 17.16 -20.04
C GLY A 79 -16.96 16.90 -21.53
N GLN A 80 -18.18 16.56 -21.94
CA GLN A 80 -18.44 16.33 -23.35
C GLN A 80 -18.27 17.60 -24.17
N ASP A 81 -18.12 18.76 -23.53
CA ASP A 81 -17.81 20.01 -24.22
C ASP A 81 -16.31 20.27 -24.31
N GLY A 82 -15.49 19.43 -23.70
CA GLY A 82 -14.05 19.61 -23.70
C GLY A 82 -13.49 20.35 -22.51
N ALA A 83 -14.36 20.87 -21.64
CA ALA A 83 -13.90 21.65 -20.49
C ALA A 83 -13.44 20.73 -19.37
N LEU A 84 -12.27 21.04 -18.80
CA LEU A 84 -11.73 20.22 -17.72
C LEU A 84 -12.55 20.40 -16.45
N LEU A 85 -12.79 19.29 -15.75
CA LEU A 85 -13.52 19.31 -14.49
C LEU A 85 -12.57 19.75 -13.39
N GLU A 86 -12.67 21.02 -13.00
CA GLU A 86 -11.76 21.60 -11.99
C GLU A 86 -12.25 21.29 -10.58
N GLN A 87 -12.38 20.00 -10.30
CA GLN A 87 -12.79 19.52 -8.99
C GLN A 87 -11.58 19.29 -8.11
N THR A 88 -11.70 19.66 -6.83
CA THR A 88 -10.62 19.52 -5.87
C THR A 88 -10.99 18.70 -4.65
N ASP A 89 -12.20 18.13 -4.61
CA ASP A 89 -12.62 17.32 -3.48
C ASP A 89 -12.98 15.91 -3.92
N LYS A 90 -14.26 15.69 -4.24
CA LYS A 90 -14.72 14.39 -4.72
C LYS A 90 -15.89 14.61 -5.67
N GLN A 91 -16.15 13.60 -6.50
CA GLN A 91 -17.27 13.66 -7.43
C GLN A 91 -17.53 12.26 -7.98
N VAL A 92 -18.80 11.95 -8.18
CA VAL A 92 -19.20 10.67 -8.76
C VAL A 92 -19.21 10.82 -10.28
N LEU A 93 -18.50 9.93 -10.96
CA LEU A 93 -18.37 10.01 -12.41
C LEU A 93 -18.42 8.60 -12.99
N GLU A 94 -18.56 8.53 -14.31
CA GLU A 94 -18.52 7.24 -14.99
C GLU A 94 -17.20 6.54 -14.69
N ALA A 95 -17.27 5.22 -14.50
CA ALA A 95 -16.07 4.47 -14.15
C ALA A 95 -15.05 4.51 -15.28
N LYS A 96 -13.77 4.57 -14.90
CA LYS A 96 -12.70 4.45 -15.88
C LYS A 96 -12.63 3.01 -16.37
N THR A 97 -12.76 2.83 -17.69
CA THR A 97 -12.74 1.50 -18.29
C THR A 97 -11.79 1.51 -19.48
N SER A 98 -11.72 0.37 -20.15
CA SER A 98 -10.87 0.23 -21.33
C SER A 98 -11.48 0.86 -22.57
N GLU A 99 -12.68 1.45 -22.47
CA GLU A 99 -13.36 1.94 -23.67
C GLU A 99 -13.99 3.32 -23.47
N ASN A 100 -13.57 4.07 -22.45
CA ASN A 100 -14.05 5.44 -22.26
C ASN A 100 -12.89 6.37 -21.92
N THR A 101 -11.67 6.02 -22.32
CA THR A 101 -10.49 6.81 -22.02
C THR A 101 -9.73 7.11 -23.31
N GLY A 102 -9.23 8.33 -23.42
CA GLY A 102 -8.47 8.73 -24.60
C GLY A 102 -9.32 9.04 -25.82
N LYS A 103 -10.60 9.32 -25.65
CA LYS A 103 -11.47 9.64 -26.76
C LYS A 103 -11.46 11.14 -27.04
N VAL A 104 -11.71 11.48 -28.31
CA VAL A 104 -11.70 12.87 -28.75
C VAL A 104 -13.12 13.28 -29.12
N TYR A 105 -13.36 14.60 -29.07
CA TYR A 105 -14.65 15.14 -29.46
C TYR A 105 -15.02 14.66 -30.86
N GLY A 106 -16.22 14.11 -30.98
CA GLY A 106 -16.66 13.52 -32.23
C GLY A 106 -16.70 12.00 -32.14
N GLU A 107 -15.65 11.42 -31.54
CA GLU A 107 -15.62 9.99 -31.30
C GLU A 107 -16.68 9.61 -30.27
N GLN A 108 -17.58 8.71 -30.65
CA GLN A 108 -18.64 8.25 -29.76
C GLN A 108 -18.22 6.95 -29.08
N TYR A 109 -18.46 6.86 -27.78
CA TYR A 109 -18.06 5.72 -26.98
C TYR A 109 -19.16 5.41 -25.97
N PRO A 110 -19.26 4.15 -25.54
CA PRO A 110 -20.33 3.79 -24.59
C PRO A 110 -20.09 4.43 -23.23
N LEU A 111 -21.18 4.93 -22.64
CA LEU A 111 -21.13 5.46 -21.28
C LEU A 111 -21.25 4.32 -20.28
N SER A 112 -20.23 4.14 -19.46
CA SER A 112 -20.27 3.12 -18.42
C SER A 112 -21.37 3.44 -17.42
N ALA A 113 -22.40 2.60 -17.36
CA ALA A 113 -23.48 2.81 -16.39
C ALA A 113 -22.97 2.75 -14.96
N GLU A 114 -21.83 2.09 -14.73
CA GLU A 114 -21.24 2.03 -13.40
C GLU A 114 -20.63 3.38 -13.06
N LYS A 115 -21.05 3.96 -11.93
CA LYS A 115 -20.52 5.23 -11.45
C LYS A 115 -19.71 5.00 -10.18
N ARG A 116 -18.61 5.73 -10.06
CA ARG A 116 -17.73 5.60 -8.91
C ARG A 116 -17.43 6.98 -8.33
N THR A 117 -17.07 6.99 -7.04
CA THR A 117 -16.71 8.22 -6.35
C THR A 117 -15.19 8.40 -6.45
N TYR A 118 -14.77 9.33 -7.29
CA TYR A 118 -13.36 9.65 -7.46
C TYR A 118 -13.00 10.87 -6.63
N TYR A 119 -11.77 10.88 -6.12
CA TYR A 119 -11.25 11.98 -5.34
C TYR A 119 -10.18 12.72 -6.12
N PHE A 120 -10.13 14.03 -5.92
CA PHE A 120 -9.27 14.92 -6.69
C PHE A 120 -8.34 15.70 -5.77
N ASP A 121 -7.13 15.95 -6.25
CA ASP A 121 -6.21 16.80 -5.50
C ASP A 121 -6.47 18.27 -5.84
N ASN A 122 -5.66 19.16 -5.27
CA ASN A 122 -5.87 20.58 -5.45
C ASN A 122 -5.50 21.09 -6.84
N ASN A 123 -5.07 20.21 -7.75
CA ASN A 123 -4.69 20.60 -9.10
C ASN A 123 -5.52 19.87 -10.16
N TYR A 124 -6.69 19.36 -9.79
CA TYR A 124 -7.71 18.78 -10.67
C TYR A 124 -7.35 17.39 -11.18
N ALA A 125 -6.25 16.80 -10.72
CA ALA A 125 -5.93 15.43 -11.08
C ALA A 125 -6.53 14.46 -10.06
N VAL A 126 -6.76 13.22 -10.50
CA VAL A 126 -7.32 12.21 -9.61
C VAL A 126 -6.33 11.94 -8.48
N LYS A 127 -6.83 12.02 -7.24
CA LYS A 127 -5.97 11.85 -6.08
C LYS A 127 -5.53 10.39 -5.95
N THR A 128 -4.30 10.21 -5.50
CA THR A 128 -3.76 8.89 -5.19
C THR A 128 -3.18 8.92 -3.78
N GLY A 129 -2.91 7.72 -3.25
CA GLY A 129 -2.39 7.62 -1.91
C GLY A 129 -3.48 7.48 -0.86
N TRP A 130 -3.23 8.01 0.34
CA TRP A 130 -4.15 7.86 1.46
C TRP A 130 -5.17 8.99 1.49
N ILE A 131 -6.36 8.67 2.00
CA ILE A 131 -7.42 9.65 2.21
C ILE A 131 -8.23 9.23 3.42
N TYR A 132 -8.69 10.21 4.18
CA TYR A 132 -9.53 9.98 5.36
C TYR A 132 -10.97 10.33 5.02
N GLU A 133 -11.90 9.45 5.38
CA GLU A 133 -13.31 9.67 5.07
C GLU A 133 -14.15 8.97 6.13
N ASP A 134 -14.83 9.76 6.95
CA ASP A 134 -15.75 9.26 7.96
C ASP A 134 -15.07 8.28 8.91
N GLY A 135 -14.01 8.77 9.57
CA GLY A 135 -13.34 8.00 10.59
C GLY A 135 -12.63 6.76 10.11
N ASN A 136 -12.29 6.68 8.83
CA ASN A 136 -11.58 5.53 8.28
C ASN A 136 -10.57 6.00 7.25
N TRP A 137 -9.57 5.15 7.02
CA TRP A 137 -8.52 5.43 6.05
C TRP A 137 -8.71 4.52 4.83
N TYR A 138 -8.65 5.13 3.65
CA TYR A 138 -8.71 4.40 2.39
C TYR A 138 -7.44 4.67 1.59
N TYR A 139 -7.09 3.74 0.71
CA TYR A 139 -5.91 3.86 -0.14
C TYR A 139 -6.34 3.86 -1.59
N LEU A 140 -6.03 4.95 -2.30
CA LEU A 140 -6.26 5.04 -3.73
C LEU A 140 -4.99 4.67 -4.47
N ASN A 141 -5.11 3.72 -5.40
CA ASN A 141 -3.94 3.13 -6.04
C ASN A 141 -3.01 4.20 -6.60
N LYS A 142 -1.73 4.10 -6.23
CA LYS A 142 -0.71 4.98 -6.79
C LYS A 142 -0.22 4.48 -8.14
N LEU A 143 -0.18 3.17 -8.34
CA LEU A 143 0.38 2.55 -9.54
C LEU A 143 -0.68 1.75 -10.27
N GLY A 144 -0.45 1.57 -11.56
CA GLY A 144 -1.27 0.69 -12.37
C GLY A 144 -0.80 -0.75 -12.26
N ASN A 145 -1.28 -1.57 -13.18
CA ASN A 145 -0.92 -2.98 -13.21
C ASN A 145 0.30 -3.19 -14.09
N PHE A 146 1.33 -3.82 -13.52
CA PHE A 146 2.59 -4.01 -14.21
C PHE A 146 2.62 -5.35 -14.96
N GLY A 147 3.51 -5.43 -15.94
CA GLY A 147 3.71 -6.65 -16.71
C GLY A 147 5.15 -6.80 -17.13
N ASP A 148 5.44 -7.79 -17.98
CA ASP A 148 6.80 -7.95 -18.50
C ASP A 148 7.26 -6.68 -19.20
N ASP A 149 6.42 -6.13 -20.07
CA ASP A 149 6.61 -4.80 -20.63
C ASP A 149 5.36 -3.95 -20.54
N SER A 150 4.24 -4.51 -20.09
CA SER A 150 2.96 -3.82 -20.12
C SER A 150 2.71 -3.06 -18.83
N TYR A 151 2.17 -1.86 -18.97
CA TYR A 151 1.74 -1.04 -17.84
C TYR A 151 0.34 -0.51 -18.13
N ASN A 152 -0.61 -0.84 -17.25
CA ASN A 152 -1.98 -0.35 -17.38
C ASN A 152 -2.24 0.73 -16.34
N PRO A 153 -2.31 2.00 -16.74
CA PRO A 153 -2.60 3.07 -15.77
C PRO A 153 -4.05 3.13 -15.34
N LEU A 154 -4.90 2.24 -15.84
CA LEU A 154 -6.32 2.31 -15.51
C LEU A 154 -6.62 2.20 -14.02
N PRO A 155 -5.94 1.33 -13.25
CA PRO A 155 -6.28 1.22 -11.81
C PRO A 155 -5.80 2.38 -10.96
N ILE A 156 -5.09 3.36 -11.53
CA ILE A 156 -4.60 4.48 -10.73
C ILE A 156 -5.78 5.32 -10.25
N GLY A 157 -5.84 5.55 -8.95
CA GLY A 157 -6.88 6.35 -8.35
C GLY A 157 -8.10 5.59 -7.86
N GLU A 158 -8.12 4.28 -7.97
CA GLU A 158 -9.24 3.49 -7.52
C GLU A 158 -9.02 3.00 -6.09
N VAL A 159 -10.14 2.71 -5.41
CA VAL A 159 -10.07 2.26 -4.03
C VAL A 159 -9.45 0.87 -3.99
N ALA A 160 -8.35 0.73 -3.27
CA ALA A 160 -7.66 -0.55 -3.16
C ALA A 160 -8.36 -1.46 -2.17
N LYS A 161 -8.22 -2.77 -2.39
CA LYS A 161 -8.83 -3.77 -1.54
C LYS A 161 -7.88 -4.95 -1.39
N GLY A 162 -7.79 -5.48 -0.18
CA GLY A 162 -6.92 -6.60 0.09
C GLY A 162 -5.50 -6.17 0.42
N TRP A 163 -4.61 -7.16 0.39
CA TRP A 163 -3.20 -6.90 0.65
C TRP A 163 -2.66 -5.88 -0.35
N THR A 164 -2.12 -4.77 0.16
CA THR A 164 -1.64 -3.68 -0.67
C THR A 164 -0.35 -3.14 -0.09
N GLN A 165 0.65 -2.97 -0.94
CA GLN A 165 1.93 -2.38 -0.56
C GLN A 165 1.94 -0.89 -0.93
N ASP A 166 2.42 -0.07 0.00
CA ASP A 166 2.48 1.38 -0.19
C ASP A 166 3.91 1.76 -0.56
N PHE A 167 4.15 2.04 -1.83
CA PHE A 167 5.46 2.42 -2.33
C PHE A 167 5.60 3.93 -2.39
N HIS A 168 6.86 4.39 -2.36
CA HIS A 168 7.19 5.77 -2.68
C HIS A 168 7.25 5.88 -4.20
N VAL A 169 6.32 6.63 -4.78
CA VAL A 169 6.13 6.64 -6.23
C VAL A 169 6.11 8.08 -6.74
N THR A 170 6.91 8.34 -7.77
CA THR A 170 6.82 9.58 -8.53
C THR A 170 6.42 9.25 -9.96
N ILE A 171 7.41 9.03 -10.82
CA ILE A 171 7.14 8.44 -12.12
C ILE A 171 7.34 6.93 -12.09
N ASP A 172 8.27 6.44 -11.28
CA ASP A 172 8.51 5.02 -11.08
C ASP A 172 8.65 4.75 -9.59
N ILE A 173 8.64 3.46 -9.23
CA ILE A 173 8.76 3.08 -7.83
C ILE A 173 10.16 3.39 -7.33
N ASP A 174 10.24 3.89 -6.10
CA ASP A 174 11.52 4.18 -5.45
C ASP A 174 11.87 2.97 -4.58
N ARG A 175 12.64 2.04 -5.15
CA ARG A 175 13.02 0.83 -4.45
C ARG A 175 14.00 1.08 -3.30
N SER A 176 14.49 2.31 -3.15
CA SER A 176 15.39 2.64 -2.06
C SER A 176 14.65 2.98 -0.77
N LYS A 177 13.36 3.23 -0.83
CA LYS A 177 12.55 3.59 0.32
C LYS A 177 11.70 2.41 0.78
N PRO A 178 11.33 2.39 2.06
CA PRO A 178 10.49 1.30 2.55
C PRO A 178 9.13 1.27 1.85
N ALA A 179 8.48 0.11 1.93
CA ALA A 179 7.16 -0.09 1.34
C ALA A 179 6.36 -1.03 2.24
N PRO A 180 5.71 -0.48 3.26
CA PRO A 180 4.98 -1.33 4.21
C PRO A 180 3.76 -1.97 3.57
N TRP A 181 3.22 -2.96 4.27
CA TRP A 181 2.04 -3.69 3.84
C TRP A 181 0.82 -3.23 4.61
N TYR A 182 -0.33 -3.19 3.93
CA TYR A 182 -1.61 -2.86 4.56
C TYR A 182 -2.66 -3.82 4.05
N TYR A 183 -3.81 -3.84 4.72
CA TYR A 183 -4.95 -4.63 4.30
C TYR A 183 -6.20 -3.78 4.37
N LEU A 184 -6.83 -3.55 3.21
CA LEU A 184 -8.08 -2.83 3.12
C LEU A 184 -9.23 -3.82 3.01
N ASP A 185 -10.30 -3.56 3.77
CA ASP A 185 -11.39 -4.54 3.89
C ASP A 185 -12.27 -4.51 2.65
N ALA A 186 -13.41 -5.20 2.71
CA ALA A 186 -14.29 -5.33 1.55
C ALA A 186 -14.90 -4.01 1.11
N SER A 187 -14.69 -2.92 1.85
CA SER A 187 -15.10 -1.59 1.43
C SER A 187 -13.95 -0.61 1.39
N GLY A 188 -12.70 -1.09 1.47
CA GLY A 188 -11.53 -0.23 1.42
C GLY A 188 -11.01 0.24 2.76
N LYS A 189 -11.73 -0.03 3.85
CA LYS A 189 -11.30 0.44 5.16
C LYS A 189 -9.96 -0.18 5.55
N MET A 190 -9.05 0.64 6.04
CA MET A 190 -7.77 0.15 6.52
C MET A 190 -7.94 -0.54 7.86
N LEU A 191 -7.37 -1.74 7.98
CA LEU A 191 -7.47 -2.52 9.21
C LEU A 191 -6.39 -2.10 10.20
N THR A 192 -6.73 -2.21 11.48
CA THR A 192 -5.80 -1.88 12.56
C THR A 192 -5.78 -2.99 13.59
N ASP A 193 -4.75 -2.99 14.42
CA ASP A 193 -4.64 -3.91 15.55
C ASP A 193 -4.60 -5.35 15.02
N TRP A 194 -5.04 -6.30 15.84
CA TRP A 194 -5.00 -7.70 15.46
C TRP A 194 -6.11 -8.02 14.47
N GLN A 195 -5.77 -8.77 13.43
CA GLN A 195 -6.73 -9.19 12.41
C GLN A 195 -6.39 -10.58 11.94
N LYS A 196 -7.42 -11.40 11.72
CA LYS A 196 -7.26 -12.75 11.17
C LYS A 196 -7.57 -12.70 9.69
N VAL A 197 -6.58 -13.06 8.87
CA VAL A 197 -6.71 -13.05 7.41
C VAL A 197 -6.23 -14.40 6.89
N ASN A 198 -7.12 -15.12 6.20
CA ASN A 198 -6.78 -16.43 5.62
C ASN A 198 -6.29 -17.40 6.69
N GLY A 199 -6.98 -17.44 7.82
CA GLY A 199 -6.69 -18.39 8.87
C GLY A 199 -5.55 -18.03 9.79
N LYS A 200 -4.71 -17.06 9.43
CA LYS A 200 -3.56 -16.67 10.23
C LYS A 200 -3.78 -15.28 10.82
N TRP A 201 -3.03 -14.98 11.88
CA TRP A 201 -3.15 -13.72 12.61
C TRP A 201 -2.10 -12.72 12.16
N TYR A 202 -2.49 -11.45 12.09
CA TYR A 202 -1.59 -10.36 11.76
C TYR A 202 -1.87 -9.20 12.69
N TYR A 203 -0.84 -8.40 12.96
CA TYR A 203 -0.96 -7.20 13.79
C TYR A 203 -0.64 -5.98 12.94
N PHE A 204 -1.60 -5.05 12.86
CA PHE A 204 -1.46 -3.86 12.04
C PHE A 204 -1.27 -2.59 12.85
N GLY A 205 -1.26 -2.67 14.17
CA GLY A 205 -1.03 -1.52 15.02
C GLY A 205 -2.10 -0.44 14.83
N SER A 206 -1.71 0.78 15.21
CA SER A 206 -2.60 1.92 15.08
C SER A 206 -2.42 2.68 13.77
N SER A 207 -1.26 2.52 13.12
CA SER A 207 -1.02 3.16 11.83
C SER A 207 -1.48 2.32 10.65
N GLY A 208 -1.64 1.00 10.83
CA GLY A 208 -2.11 0.12 9.80
C GLY A 208 -1.04 -0.71 9.13
N SER A 209 0.23 -0.38 9.32
CA SER A 209 1.30 -1.12 8.66
C SER A 209 1.48 -2.49 9.31
N MET A 210 1.67 -3.50 8.46
CA MET A 210 1.87 -4.86 8.95
C MET A 210 3.18 -4.96 9.73
N ALA A 211 3.12 -5.63 10.87
CA ALA A 211 4.28 -5.81 11.74
C ALA A 211 5.06 -7.05 11.34
N THR A 212 6.38 -6.98 11.54
CA THR A 212 7.27 -8.10 11.25
C THR A 212 8.27 -8.24 12.38
N GLY A 213 8.51 -9.48 12.80
CA GLY A 213 9.44 -9.74 13.88
C GLY A 213 8.79 -9.68 15.25
N TRP A 214 9.62 -9.41 16.25
CA TRP A 214 9.13 -9.30 17.62
C TRP A 214 8.35 -8.00 17.80
N LYS A 215 7.24 -8.08 18.52
CA LYS A 215 6.40 -6.91 18.76
C LYS A 215 5.77 -7.01 20.15
N TYR A 216 5.92 -5.94 20.93
CA TYR A 216 5.34 -5.86 22.28
C TYR A 216 3.98 -5.19 22.16
N VAL A 217 2.92 -5.96 22.37
CA VAL A 217 1.55 -5.47 22.24
C VAL A 217 0.82 -5.76 23.55
N ARG A 218 0.53 -4.70 24.30
CA ARG A 218 -0.26 -4.79 25.53
C ARG A 218 0.32 -5.81 26.50
N GLY A 219 1.56 -5.56 26.90
CA GLY A 219 2.20 -6.32 27.97
C GLY A 219 2.73 -7.68 27.59
N LYS A 220 2.52 -8.13 26.36
CA LYS A 220 2.99 -9.43 25.92
C LYS A 220 3.92 -9.27 24.72
N TRP A 221 4.75 -10.28 24.51
CA TRP A 221 5.65 -10.34 23.37
C TRP A 221 5.12 -11.33 22.34
N TYR A 222 5.16 -10.92 21.08
CA TYR A 222 4.74 -11.77 19.97
C TYR A 222 5.81 -11.76 18.89
N TYR A 223 5.82 -12.80 18.07
CA TYR A 223 6.72 -12.89 16.93
C TYR A 223 5.88 -13.01 15.66
N LEU A 224 5.96 -11.99 14.81
CA LEU A 224 5.38 -12.05 13.48
C LEU A 224 6.47 -12.42 12.48
N ASP A 225 6.12 -13.28 11.52
CA ASP A 225 7.09 -13.75 10.54
C ASP A 225 7.89 -12.58 9.97
N ASN A 226 9.19 -12.77 9.85
CA ASN A 226 10.09 -11.67 9.49
C ASN A 226 9.72 -11.05 8.15
N LYS A 227 9.12 -11.83 7.25
CA LYS A 227 8.74 -11.33 5.94
C LYS A 227 7.23 -11.33 5.72
N ASN A 228 6.56 -12.45 5.98
CA ASN A 228 5.14 -12.57 5.67
C ASN A 228 4.25 -12.02 6.77
N GLY A 229 4.77 -11.88 8.00
CA GLY A 229 4.05 -11.20 9.06
C GLY A 229 3.10 -12.04 9.86
N ASP A 230 2.74 -13.24 9.40
CA ASP A 230 1.80 -14.07 10.14
C ASP A 230 2.37 -14.42 11.51
N MET A 231 1.49 -14.55 12.49
CA MET A 231 1.88 -14.80 13.86
C MET A 231 2.31 -16.26 14.05
N LYS A 232 3.35 -16.47 14.83
CA LYS A 232 3.86 -17.79 15.14
C LYS A 232 3.36 -18.26 16.51
N THR A 233 3.32 -19.58 16.68
CA THR A 233 2.93 -20.20 17.94
C THR A 233 3.82 -21.41 18.18
N GLY A 234 3.74 -21.93 19.41
CA GLY A 234 4.52 -23.10 19.76
C GLY A 234 6.01 -22.77 19.86
N TRP A 235 6.82 -23.81 19.72
CA TRP A 235 8.27 -23.66 19.79
C TRP A 235 8.80 -23.03 18.51
N GLN A 236 9.70 -22.07 18.66
CA GLN A 236 10.28 -21.35 17.52
C GLN A 236 11.77 -21.18 17.74
N TYR A 237 12.56 -21.51 16.71
CA TYR A 237 14.00 -21.33 16.73
C TYR A 237 14.31 -20.02 16.02
N LEU A 238 14.53 -18.95 16.79
CA LEU A 238 14.77 -17.62 16.26
C LEU A 238 16.02 -17.04 16.90
N GLY A 239 16.95 -16.61 16.07
CA GLY A 239 18.20 -16.05 16.58
C GLY A 239 19.10 -17.08 17.22
N ASN A 240 19.02 -18.33 16.80
CA ASN A 240 19.82 -19.43 17.35
C ASN A 240 19.48 -19.71 18.81
N LYS A 241 18.28 -19.35 19.23
CA LYS A 241 17.77 -19.67 20.55
C LYS A 241 16.33 -20.16 20.42
N TRP A 242 15.84 -20.82 21.46
CA TRP A 242 14.52 -21.42 21.45
C TRP A 242 13.56 -20.59 22.28
N TYR A 243 12.33 -20.44 21.79
CA TYR A 243 11.26 -19.75 22.50
C TYR A 243 9.97 -20.54 22.33
N TYR A 244 9.12 -20.50 23.33
CA TYR A 244 7.79 -21.09 23.26
C TYR A 244 6.74 -19.99 23.32
N LEU A 245 5.87 -19.95 22.33
CA LEU A 245 4.76 -19.01 22.27
C LEU A 245 3.45 -19.78 22.38
N ARG A 246 2.54 -19.26 23.21
CA ARG A 246 1.28 -19.93 23.46
C ARG A 246 0.43 -19.98 22.19
N SER A 247 -0.72 -20.66 22.28
CA SER A 247 -1.66 -20.63 21.17
C SER A 247 -2.16 -19.21 20.90
N SER A 248 -2.23 -18.39 21.94
CA SER A 248 -2.53 -16.97 21.76
C SER A 248 -1.40 -16.21 21.08
N GLY A 249 -0.23 -16.84 20.94
CA GLY A 249 0.93 -16.19 20.38
C GLY A 249 1.80 -15.46 21.39
N ALA A 250 1.37 -15.36 22.64
CA ALA A 250 2.12 -14.64 23.65
C ALA A 250 3.33 -15.46 24.10
N MET A 251 4.50 -14.83 24.12
CA MET A 251 5.70 -15.49 24.58
C MET A 251 5.56 -15.92 26.03
N VAL A 252 6.19 -17.04 26.36
CA VAL A 252 6.11 -17.62 27.70
C VAL A 252 7.44 -17.39 28.42
N THR A 253 7.36 -17.07 29.70
CA THR A 253 8.52 -16.88 30.55
C THR A 253 8.41 -17.77 31.79
N GLY A 254 9.56 -18.15 32.32
CA GLY A 254 9.58 -18.97 33.52
C GLY A 254 9.43 -20.46 33.20
N TRP A 255 8.80 -21.18 34.12
CA TRP A 255 8.61 -22.60 33.97
C TRP A 255 7.45 -22.90 33.03
N TYR A 256 7.65 -23.85 32.13
CA TYR A 256 6.61 -24.33 31.24
C TYR A 256 6.77 -25.83 31.06
N GLN A 257 5.65 -26.55 31.11
CA GLN A 257 5.64 -28.01 31.00
C GLN A 257 4.94 -28.40 29.71
N ASP A 258 5.69 -29.01 28.79
CA ASP A 258 5.13 -29.59 27.57
C ASP A 258 4.95 -31.07 27.83
N GLY A 259 3.71 -31.47 28.12
CA GLY A 259 3.44 -32.84 28.52
C GLY A 259 4.02 -33.14 29.89
N LEU A 260 4.96 -34.07 29.95
CA LEU A 260 5.65 -34.38 31.20
C LEU A 260 6.95 -33.61 31.37
N THR A 261 7.47 -33.02 30.30
CA THR A 261 8.78 -32.39 30.33
C THR A 261 8.69 -30.94 30.79
N TRP A 262 9.68 -30.51 31.57
CA TRP A 262 9.76 -29.14 32.06
C TRP A 262 10.85 -28.39 31.30
N TYR A 263 10.56 -27.14 30.96
CA TYR A 263 11.54 -26.23 30.38
C TYR A 263 11.49 -24.92 31.16
N TYR A 264 12.60 -24.17 31.09
CA TYR A 264 12.67 -22.85 31.70
C TYR A 264 13.02 -21.83 30.63
N LEU A 265 12.13 -20.88 30.41
CA LEU A 265 12.36 -19.76 29.50
C LEU A 265 12.87 -18.58 30.32
N ASN A 266 14.04 -18.07 29.94
CA ASN A 266 14.67 -16.99 30.70
C ASN A 266 13.68 -15.87 30.97
N ALA A 267 13.76 -15.30 32.18
CA ALA A 267 12.82 -14.27 32.58
C ALA A 267 12.78 -13.13 31.57
N GLY A 268 13.94 -12.55 31.27
CA GLY A 268 14.01 -11.41 30.38
C GLY A 268 13.48 -11.67 28.99
N ASN A 269 14.31 -12.24 28.12
CA ASN A 269 14.01 -12.40 26.71
C ASN A 269 13.27 -13.70 26.40
N GLY A 270 12.97 -14.52 27.40
CA GLY A 270 12.22 -15.73 27.17
C GLY A 270 12.96 -16.84 26.45
N ASP A 271 14.28 -16.73 26.30
CA ASP A 271 15.05 -17.76 25.64
C ASP A 271 15.15 -19.01 26.52
N MET A 272 15.03 -20.17 25.88
CA MET A 272 15.16 -21.43 26.61
C MET A 272 16.57 -21.58 27.17
N LYS A 273 16.66 -22.07 28.41
CA LYS A 273 17.93 -22.23 29.09
C LYS A 273 18.41 -23.67 28.99
N THR A 274 19.72 -23.84 28.96
CA THR A 274 20.35 -25.15 28.91
C THR A 274 21.48 -25.23 29.92
N GLY A 275 21.84 -26.46 30.29
CA GLY A 275 22.90 -26.65 31.26
C GLY A 275 22.45 -26.33 32.68
N TRP A 276 23.38 -25.85 33.49
CA TRP A 276 23.11 -25.52 34.87
C TRP A 276 22.59 -24.10 35.00
N PHE A 277 21.48 -23.92 35.70
CA PHE A 277 20.93 -22.60 35.97
C PHE A 277 20.28 -22.61 37.34
N GLN A 278 20.08 -21.42 37.90
CA GLN A 278 19.61 -21.25 39.27
C GLN A 278 18.34 -20.41 39.28
N VAL A 279 17.31 -20.91 39.95
CA VAL A 279 16.02 -20.22 40.07
C VAL A 279 15.68 -20.16 41.55
N ASN A 280 15.60 -18.94 42.09
CA ASN A 280 15.22 -18.72 43.49
C ASN A 280 16.12 -19.54 44.43
N GLY A 281 17.42 -19.41 44.22
CA GLY A 281 18.38 -20.04 45.10
C GLY A 281 18.72 -21.48 44.78
N LYS A 282 17.78 -22.21 44.19
CA LYS A 282 17.98 -23.62 43.90
C LYS A 282 18.57 -23.80 42.50
N TRP A 283 19.24 -24.94 42.30
CA TRP A 283 19.94 -25.25 41.07
C TRP A 283 19.22 -26.35 40.31
N TYR A 284 19.23 -26.23 38.98
CA TYR A 284 18.64 -27.23 38.10
C TYR A 284 19.58 -27.48 36.92
N TYR A 285 19.39 -28.61 36.26
CA TYR A 285 20.13 -28.94 35.05
C TYR A 285 19.16 -29.25 33.92
N ALA A 286 19.37 -28.63 32.77
CA ALA A 286 18.54 -28.83 31.59
C ALA A 286 19.40 -29.40 30.46
N TYR A 287 18.92 -30.49 29.85
CA TYR A 287 19.66 -31.15 28.79
C TYR A 287 19.76 -30.25 27.56
N SER A 288 20.40 -30.77 26.52
CA SER A 288 20.56 -29.99 25.30
C SER A 288 19.21 -29.59 24.71
N SER A 289 18.25 -30.51 24.71
CA SER A 289 16.90 -30.23 24.25
C SER A 289 16.16 -29.21 25.10
N GLY A 290 16.78 -28.68 26.16
CA GLY A 290 16.09 -27.85 27.12
C GLY A 290 15.31 -28.60 28.17
N ALA A 291 15.11 -29.90 28.00
CA ALA A 291 14.35 -30.69 28.96
C ALA A 291 15.08 -30.75 30.30
N LEU A 292 14.31 -30.57 31.37
CA LEU A 292 14.86 -30.58 32.71
C LEU A 292 15.12 -31.99 33.20
N ALA A 293 16.25 -32.19 33.86
CA ALA A 293 16.57 -33.49 34.45
C ALA A 293 15.82 -33.65 35.76
N VAL A 294 15.21 -34.82 35.96
CA VAL A 294 14.39 -35.10 37.12
C VAL A 294 14.62 -36.54 37.57
N ASN A 295 14.86 -36.73 38.86
CA ASN A 295 15.03 -38.05 39.45
C ASN A 295 16.05 -38.88 38.68
N THR A 296 17.30 -38.41 38.75
CA THR A 296 18.40 -39.04 38.03
C THR A 296 19.69 -38.42 38.55
N THR A 297 20.80 -38.69 37.86
CA THR A 297 22.10 -38.12 38.19
C THR A 297 22.64 -37.36 36.99
N VAL A 298 23.41 -36.31 37.28
CA VAL A 298 24.06 -35.49 36.25
C VAL A 298 25.52 -35.37 36.66
N ASP A 299 26.40 -36.09 35.97
CA ASP A 299 27.81 -36.13 36.31
C ASP A 299 28.01 -36.57 37.75
N GLY A 300 27.23 -37.57 38.18
CA GLY A 300 27.30 -38.10 39.52
C GLY A 300 26.40 -37.41 40.53
N TYR A 301 25.98 -36.17 40.26
CA TYR A 301 25.18 -35.41 41.20
C TYR A 301 23.69 -35.70 40.99
N SER A 302 22.94 -35.74 42.08
CA SER A 302 21.56 -36.18 42.07
C SER A 302 20.59 -35.01 42.04
N VAL A 303 19.48 -35.20 41.34
CA VAL A 303 18.39 -34.22 41.28
C VAL A 303 17.08 -34.96 41.55
N ASN A 304 16.22 -34.33 42.34
CA ASN A 304 15.00 -34.97 42.81
C ASN A 304 13.89 -34.87 41.75
N TYR A 305 12.66 -35.21 42.15
CA TYR A 305 11.53 -35.17 41.23
C TYR A 305 11.25 -33.76 40.70
N ASN A 306 11.65 -32.73 41.44
CA ASN A 306 11.46 -31.35 41.01
C ASN A 306 12.62 -30.84 40.16
N GLY A 307 13.61 -31.68 39.88
CA GLY A 307 14.80 -31.25 39.18
C GLY A 307 15.79 -30.48 40.02
N GLU A 308 15.53 -30.31 41.31
CA GLU A 308 16.43 -29.58 42.18
C GLU A 308 17.63 -30.45 42.57
N TRP A 309 18.78 -29.80 42.71
CA TRP A 309 20.01 -30.48 43.09
C TRP A 309 19.97 -30.78 44.58
N VAL A 310 20.13 -32.05 44.94
CA VAL A 310 20.11 -32.50 46.32
C VAL A 310 21.54 -32.88 46.71
N GLN A 311 22.15 -32.07 47.56
CA GLN A 311 23.52 -32.32 48.01
C GLN A 311 23.69 -33.74 48.51
C4 CHT B . -5.80 -13.72 21.37
C5 CHT B . -4.93 -13.94 20.15
C6 CHT B . -3.72 -11.81 20.30
C7 CHT B . -5.71 -11.94 18.95
C8 CHT B . -3.70 -13.04 18.23
O6 CHT B . -6.10 -14.97 21.98
N1 CHT B . -4.52 -12.69 19.41
HC41 CHT B . -6.62 -13.27 21.12
HC42 CHT B . -5.31 -13.16 22.01
HC51 CHT B . -5.42 -14.52 19.52
HC52 CHT B . -4.13 -14.43 20.41
H61 CHT B . -3.43 -11.04 19.80
H62 CHT B . -2.95 -12.31 20.63
H63 CHT B . -4.27 -11.53 21.04
H71 CHT B . -5.42 -11.17 18.43
H72 CHT B . -6.22 -11.65 19.73
H73 CHT B . -6.26 -12.52 18.40
H81 CHT B . -3.43 -12.23 17.77
H82 CHT B . -4.23 -13.60 17.65
H83 CHT B . -2.92 -13.52 18.53
HO6 CHT B . -6.53 -15.45 21.42
C4 CHT C . 2.15 -12.95 1.74
C5 CHT C . 2.88 -11.81 2.41
C6 CHT C . 0.99 -11.06 3.79
C7 CHT C . 1.34 -10.06 1.63
C8 CHT C . 2.85 -9.58 3.43
O6 CHT C . 2.35 -12.93 0.33
N1 CHT C . 2.01 -10.63 2.81
HC41 CHT C . 1.19 -12.89 1.92
HC42 CHT C . 2.46 -13.80 2.09
HC51 CHT C . 3.57 -11.49 1.81
HC52 CHT C . 3.31 -12.15 3.21
H61 CHT C . 0.57 -10.28 4.18
H62 CHT C . 1.41 -11.58 4.48
H63 CHT C . 0.32 -11.59 3.33
H71 CHT C . 0.78 -9.31 1.90
H72 CHT C . 0.78 -10.74 1.22
H73 CHT C . 2.00 -9.75 1.00
H81 CHT C . 2.28 -8.83 3.66
H82 CHT C . 3.53 -9.31 2.81
H83 CHT C . 3.26 -9.94 4.23
HO6 CHT C . 3.18 -13.04 0.17
C4 CHT D . 10.46 -29.49 22.36
C5 CHT D . 11.91 -29.47 21.91
C6 CHT D . 12.50 -27.37 23.03
C7 CHT D . 11.76 -27.31 20.74
C8 CHT D . 13.92 -28.23 21.29
O6 CHT D . 9.61 -29.84 21.28
N1 CHT D . 12.51 -28.09 21.75
HC41 CHT D . 10.21 -28.61 22.69
HC42 CHT D . 10.35 -30.12 23.09
HC51 CHT D . 11.97 -29.94 21.06
HC52 CHT D . 12.44 -29.96 22.56
H61 CHT D . 13.00 -26.54 22.93
H62 CHT D . 12.92 -27.92 23.71
H63 CHT D . 11.59 -27.17 23.28
H71 CHT D . 12.12 -26.41 20.70
H72 CHT D . 10.82 -27.26 21.02
H73 CHT D . 11.83 -27.74 19.88
H81 CHT D . 14.30 -27.34 21.17
H82 CHT D . 13.93 -28.69 20.44
H83 CHT D . 14.42 -28.72 21.94
HO6 CHT D . 9.70 -29.29 20.66
C1 PGE E . 3.66 -1.90 12.64
O1 PGE E . 4.63 -1.18 13.38
C2 PGE E . 2.28 -1.58 13.18
O2 PGE E . 2.41 -0.79 14.34
C3 PGE E . 1.97 0.53 14.16
C4 PGE E . 2.39 1.37 15.36
O4 PGE E . 1.05 1.67 18.90
C6 PGE E . 1.02 0.29 18.58
C5 PGE E . 1.75 0.09 17.26
O3 PGE E . 1.45 1.18 16.40
H1 PGE E . 3.81 -2.99 12.72
H12 PGE E . 3.68 -1.64 11.57
HO1 PGE E . 5.50 -1.56 13.18
H2 PGE E . 1.74 -2.52 13.39
H22 PGE E . 1.70 -1.04 12.40
H3 PGE E . 0.87 0.58 14.06
H32 PGE E . 2.41 0.98 13.25
H4 PGE E . 2.44 2.42 15.07
H42 PGE E . 3.40 1.05 15.68
HO4 PGE E . 0.62 2.16 18.18
H6 PGE E . -0.01 -0.08 18.48
H62 PGE E . 1.52 -0.31 19.35
H5 PGE E . 1.43 -0.87 16.83
H52 PGE E . 2.83 0.02 17.46
C4 CHT F . 8.53 -26.70 41.17
C5 CHT F . 8.65 -27.76 40.09
C6 CHT F . 10.71 -26.76 39.20
C7 CHT F . 8.61 -26.31 38.11
C8 CHT F . 9.59 -28.49 37.95
O6 CHT F . 7.68 -27.15 42.21
N1 CHT F . 9.39 -27.33 38.84
HC41 CHT F . 8.15 -25.88 40.78
HC42 CHT F . 9.41 -26.49 41.53
HC51 CHT F . 7.75 -28.05 39.84
HC52 CHT F . 9.11 -28.54 40.47
H61 CHT F . 11.20 -26.57 38.39
H62 CHT F . 11.19 -27.41 39.73
H63 CHT F . 10.58 -25.95 39.71
H71 CHT F . 9.07 -26.07 37.30
H72 CHT F . 8.50 -25.52 38.68
H73 CHT F . 7.73 -26.67 37.89
H81 CHT F . 10.02 -28.20 37.15
H82 CHT F . 8.73 -28.88 37.75
H83 CHT F . 10.14 -29.14 38.41
HO6 CHT F . 8.00 -27.87 42.53
C4 CHT G . 14.95 -10.42 22.45
C5 CHT G . 13.74 -11.27 22.78
C6 CHT G . 11.36 -11.48 23.31
C7 CHT G . 12.07 -9.74 21.82
C8 CHT G . 12.58 -9.61 24.17
O6 CHT G . 15.64 -10.05 23.63
N1 CHT G . 12.44 -10.53 23.02
HC41 CHT G . 14.65 -9.61 21.98
HC42 CHT G . 15.54 -10.91 21.86
HC51 CHT G . 13.94 -11.79 23.58
HC52 CHT G . 13.60 -11.90 22.05
H61 CHT G . 10.54 -10.99 23.47
H62 CHT G . 11.59 -11.99 24.10
H63 CHT G . 11.25 -12.07 22.55
H71 CHT G . 11.13 -9.51 21.87
H72 CHT G . 12.24 -10.29 21.03
H73 CHT G . 12.62 -8.95 21.78
H81 CHT G . 11.71 -9.21 24.37
H82 CHT G . 13.21 -8.91 23.96
H83 CHT G . 12.90 -10.10 24.94
HO6 CHT G . 15.13 -9.58 24.11
C1 GOL H . 7.49 -32.84 37.88
O1 GOL H . 6.20 -32.85 37.36
C2 GOL H . 7.44 -32.03 39.19
O2 GOL H . 6.63 -30.91 39.10
C3 GOL H . 6.94 -33.01 40.27
O3 GOL H . 5.66 -33.42 39.87
H11 GOL H . 8.13 -32.43 37.29
H12 GOL H . 7.82 -33.72 38.08
HO1 GOL H . 5.82 -33.57 37.61
H2 GOL H . 8.33 -31.70 39.41
HO2 GOL H . 6.96 -30.40 38.51
H31 GOL H . 6.95 -32.56 41.13
H32 GOL H . 7.57 -33.73 40.36
HO3 GOL H . 5.59 -34.25 40.04
C4 CHT I . 0.01 7.87 8.20
C5 CHT I . -1.22 7.12 8.64
C6 CHT I . -1.01 5.33 6.95
C7 CHT I . -2.41 7.23 6.49
C8 CHT I . -3.09 5.62 8.13
O6 CHT I . 1.18 7.12 8.49
N1 CHT I . -1.92 6.32 7.55
HC41 CHT I . 0.06 8.73 8.66
HC42 CHT I . -0.03 8.04 7.24
HC51 CHT I . -1.86 7.76 9.01
HC52 CHT I . -0.98 6.50 9.35
H61 CHT I . -1.48 4.80 6.30
H62 CHT I . -0.68 4.75 7.66
H63 CHT I . -0.26 5.79 6.54
H71 CHT I . -2.98 6.73 5.88
H72 CHT I . -1.64 7.58 6.00
H73 CHT I . -2.89 7.96 6.89
H81 CHT I . -3.53 5.12 7.42
H82 CHT I . -3.69 6.27 8.51
H83 CHT I . -2.78 5.01 8.82
HO6 CHT I . 1.15 6.39 8.08
C1 GOL J . 0.21 -23.14 25.49
O1 GOL J . -0.46 -23.77 24.44
C2 GOL J . -0.77 -23.02 26.65
O2 GOL J . -0.12 -23.03 27.88
C3 GOL J . -1.50 -21.70 26.40
O3 GOL J . -2.06 -21.77 25.11
H11 GOL J . 0.53 -22.26 25.25
H12 GOL J . 1.00 -23.63 25.78
HO1 GOL J . -0.61 -23.16 23.86
H2 GOL J . -1.40 -23.76 26.66
HO2 GOL J . -0.17 -23.82 28.19
H31 GOL J . -0.87 -20.98 26.51
H32 GOL J . -2.16 -21.56 27.10
HO3 GOL J . -2.00 -20.99 24.77
C1 GOL K . -7.03 -17.29 18.82
O1 GOL K . -6.03 -17.80 19.67
C2 GOL K . -7.53 -18.43 17.93
O2 GOL K . -8.53 -18.01 17.05
C3 GOL K . -6.28 -18.92 17.19
O3 GOL K . -6.69 -19.36 15.93
H11 GOL K . -6.71 -16.56 18.27
H12 GOL K . -7.78 -16.92 19.31
HO1 GOL K . -5.40 -17.24 19.67
H2 GOL K . -7.93 -19.14 18.46
HO2 GOL K . -8.19 -17.44 16.53
H31 GOL K . -5.85 -19.62 17.73
H32 GOL K . -5.63 -18.20 17.16
HO3 GOL K . -7.44 -19.76 16.05
C4 T7K L . 27.88 -29.50 39.62
C2 T7K L . 25.97 -27.90 41.53
C3 T7K L . 27.47 -29.74 41.09
C1 T7K L . 25.80 -26.55 42.28
C7 T7K L . 27.07 -25.04 39.12
C6 T7K L . 28.04 -27.00 38.08
C8 T7K L . 26.11 -25.90 39.99
C12 T7K L . 27.49 -28.64 43.24
C16 T7K L . 29.31 -24.93 38.19
C13 T7K L . 31.57 -28.68 39.90
C9 T7K L . 28.01 -25.07 43.11
C5 T7K L . 29.21 -28.02 38.24
C11 T7K L . 28.94 -29.13 43.52
O3 T7K L . 29.14 -30.27 44.05
N1 T7K L . 26.12 -25.43 41.38
O2 T7K L . 27.29 -25.41 44.09
O1 T7K L . 29.24 -24.89 43.28
YB T7K L . 28.85 -26.80 41.14
C01 T7K L . 28.78 -24.50 36.79
C02 T7K L . 28.94 -25.44 35.56
C03 T7K L . 28.49 -25.07 34.37
C04 T7K L . 27.82 -23.71 34.21
C05 T7K L . 27.69 -22.89 35.25
C06 T7K L . 28.21 -23.33 36.63
C10 T7K L . 27.44 -24.84 41.68
C14 T7K L . 30.30 -29.54 39.76
N2 T7K L . 27.32 -28.44 41.79
N3 T7K L . 29.12 -28.67 39.55
N4 T7K L . 28.32 -25.79 38.88
O01 T7K L . 27.34 -23.31 32.93
O4 T7K L . 29.92 -28.41 43.22
O6 T7K L . 32.70 -29.19 39.65
O5 T7K L . 31.49 -27.47 40.25
#